data_2AOV
#
_entry.id   2AOV
#
_cell.length_a   132.89
_cell.length_b   132.89
_cell.length_c   65.05
_cell.angle_alpha   90.00
_cell.angle_beta   90.00
_cell.angle_gamma   120.00
#
_symmetry.space_group_name_H-M   'P 6'
#
loop_
_entity.id
_entity.type
_entity.pdbx_description
1 polymer 'Histamine N-methyltransferase'
2 non-polymer '4-(DIMETHYLAMINO)BUTYL IMIDOTHIOCARBAMATE'
3 non-polymer 5-(3,4-DICHLOROPHENYL)-6-METHYLPYRIMIDINE-2,4-DIAMINE
4 water water
#
_entity_poly.entity_id   1
_entity_poly.type   'polypeptide(L)'
_entity_poly.pdbx_seq_one_letter_code
;MASSMRSLFSDHGKYVESFRRFLNHSTEHQCMQEFMDKKLPGIIGRIGDTKSEIKILSIGGGAGEIDLQILSKVQAQYPG
VCINNEVVEPSAEQIAKYKELVAKTSNLENVKFAWHKETSSEYQSRMLEKKELQKWDFIHMIQMLYYVKDIPATLKFFHS
LLGTNAKMLIIVVSGSSGWDKLWKKYGSRFPQDDLCQYITSDDLTQMLDNLGLKYECYDLLSTMDISDCFIDGNENGDLL
WDFLTETCNFNATAPPDLRAELGKDLQEPEFSAKKEGKVLFNNTLSFIVIEA
;
_entity_poly.pdbx_strand_id   A,B
#
loop_
_chem_comp.id
_chem_comp.type
_chem_comp.name
_chem_comp.formula
4DI non-polymer '4-(DIMETHYLAMINO)BUTYL IMIDOTHIOCARBAMATE' 'C7 H17 N3 S'
C2M non-polymer 5-(3,4-DICHLOROPHENYL)-6-METHYLPYRIMIDINE-2,4-DIAMINE 'C11 H10 Cl2 N4'
#
# COMPACT_ATOMS: atom_id res chain seq x y z
N MET A 5 -33.05 4.25 -13.14
CA MET A 5 -32.43 4.97 -11.98
C MET A 5 -31.42 4.09 -11.26
N ARG A 6 -30.14 4.23 -11.62
CA ARG A 6 -29.05 3.44 -11.04
C ARG A 6 -28.33 4.17 -9.90
N SER A 7 -27.86 3.41 -8.91
CA SER A 7 -27.16 3.96 -7.75
C SER A 7 -25.82 4.61 -8.11
N LEU A 8 -25.60 5.80 -7.56
CA LEU A 8 -24.36 6.54 -7.80
C LEU A 8 -23.17 5.69 -7.40
N PHE A 9 -23.44 4.69 -6.56
CA PHE A 9 -22.43 3.75 -6.10
C PHE A 9 -21.86 3.02 -7.31
N SER A 10 -22.08 3.62 -8.45
CA SER A 10 -21.63 3.05 -9.73
C SER A 10 -20.21 2.53 -9.71
N ASP A 11 -19.44 3.18 -8.86
CA ASP A 11 -18.07 2.81 -8.69
C ASP A 11 -17.12 3.61 -9.59
N HIS A 12 -16.12 4.24 -9.02
CA HIS A 12 -15.05 4.97 -9.74
C HIS A 12 -15.50 5.65 -11.04
N GLY A 13 -16.55 6.45 -10.96
CA GLY A 13 -17.04 7.17 -12.10
C GLY A 13 -17.61 8.49 -11.60
N LYS A 14 -18.93 8.52 -11.48
CA LYS A 14 -19.61 9.71 -10.98
C LYS A 14 -19.48 9.75 -9.47
N TYR A 15 -19.21 8.59 -8.88
CA TYR A 15 -19.06 8.51 -7.44
C TYR A 15 -17.98 9.47 -6.96
N VAL A 16 -16.76 9.18 -7.37
CA VAL A 16 -15.61 10.00 -6.99
C VAL A 16 -15.82 11.49 -7.27
N GLU A 17 -16.25 11.83 -8.47
CA GLU A 17 -16.43 13.23 -8.80
C GLU A 17 -17.45 13.91 -7.90
N SER A 18 -18.48 13.16 -7.52
CA SER A 18 -19.50 13.70 -6.63
C SER A 18 -18.93 13.81 -5.22
N PHE A 19 -18.13 12.83 -4.82
CA PHE A 19 -17.53 12.84 -3.49
C PHE A 19 -16.75 14.12 -3.30
N ARG A 20 -15.88 14.42 -4.26
CA ARG A 20 -15.06 15.63 -4.24
C ARG A 20 -15.88 16.89 -3.98
N ARG A 21 -17.02 17.00 -4.66
CA ARG A 21 -17.90 18.17 -4.49
C ARG A 21 -18.38 18.22 -3.04
N PHE A 22 -18.42 17.05 -2.42
CA PHE A 22 -18.85 16.93 -1.03
C PHE A 22 -17.79 17.47 -0.08
N LEU A 23 -16.53 17.11 -0.32
CA LEU A 23 -15.44 17.59 0.52
C LEU A 23 -15.24 19.10 0.41
N ASN A 24 -14.96 19.59 -0.79
CA ASN A 24 -14.75 21.02 -0.98
C ASN A 24 -16.04 21.82 -0.84
N HIS A 25 -17.03 21.26 -0.14
CA HIS A 25 -18.29 21.96 0.08
C HIS A 25 -18.89 21.63 1.43
N SER A 26 -18.08 21.07 2.33
CA SER A 26 -18.51 20.73 3.68
C SER A 26 -17.35 20.86 4.66
N THR A 27 -17.67 20.97 5.95
CA THR A 27 -16.63 21.05 6.99
C THR A 27 -16.28 19.62 7.47
N GLU A 28 -16.60 18.61 6.65
CA GLU A 28 -16.35 17.21 7.00
C GLU A 28 -14.99 16.98 7.63
N HIS A 29 -13.95 17.41 6.93
CA HIS A 29 -12.56 17.26 7.37
C HIS A 29 -12.21 18.10 8.60
N GLN A 30 -12.54 19.39 8.56
CA GLN A 30 -12.26 20.27 9.69
C GLN A 30 -12.92 19.76 10.96
N CYS A 31 -14.14 19.26 10.83
CA CYS A 31 -14.91 18.74 11.96
C CYS A 31 -14.13 17.62 12.66
N MET A 32 -13.64 16.67 11.88
CA MET A 32 -12.88 15.56 12.45
C MET A 32 -11.57 16.06 13.04
N GLN A 33 -10.93 16.98 12.33
CA GLN A 33 -9.67 17.52 12.82
C GLN A 33 -9.86 18.24 14.15
N GLU A 34 -11.01 18.90 14.31
CA GLU A 34 -11.31 19.61 15.56
C GLU A 34 -11.44 18.61 16.71
N PHE A 35 -12.08 17.47 16.42
CA PHE A 35 -12.28 16.41 17.42
C PHE A 35 -10.92 15.80 17.83
N MET A 36 -10.06 15.55 16.84
CA MET A 36 -8.75 14.98 17.14
C MET A 36 -7.90 15.94 17.99
N ASP A 37 -8.03 17.24 17.75
CA ASP A 37 -7.25 18.21 18.52
C ASP A 37 -7.75 18.40 19.95
N LYS A 38 -9.06 18.39 20.12
CA LYS A 38 -9.62 18.62 21.45
C LYS A 38 -10.07 17.42 22.28
N LYS A 39 -10.49 16.33 21.65
CA LYS A 39 -10.94 15.18 22.42
C LYS A 39 -10.07 13.93 22.35
N LEU A 40 -9.46 13.68 21.19
CA LEU A 40 -8.65 12.49 21.05
C LEU A 40 -7.59 12.37 22.16
N PRO A 41 -6.84 13.45 22.41
CA PRO A 41 -5.81 13.35 23.46
C PRO A 41 -6.33 12.66 24.72
N GLY A 42 -7.40 13.20 25.30
CA GLY A 42 -7.95 12.64 26.52
C GLY A 42 -8.29 11.17 26.37
N ILE A 43 -8.93 10.81 25.25
CA ILE A 43 -9.33 9.44 24.97
C ILE A 43 -8.19 8.40 24.89
N ILE A 44 -7.06 8.76 24.28
CA ILE A 44 -5.92 7.85 24.15
C ILE A 44 -4.95 7.97 25.32
N GLY A 45 -5.34 8.75 26.32
CA GLY A 45 -4.48 8.98 27.47
C GLY A 45 -3.78 7.79 28.10
N ARG A 46 -4.40 6.61 28.08
CA ARG A 46 -3.79 5.46 28.73
C ARG A 46 -3.64 4.19 27.89
N ILE A 47 -3.91 4.28 26.59
CA ILE A 47 -3.81 3.09 25.73
C ILE A 47 -2.42 2.47 25.64
N GLY A 48 -1.39 3.23 26.01
CA GLY A 48 -0.03 2.71 25.94
C GLY A 48 0.65 2.43 27.27
N ASP A 49 -0.06 2.66 28.38
CA ASP A 49 0.50 2.44 29.72
C ASP A 49 0.97 1.03 29.93
N THR A 50 2.23 0.89 30.36
CA THR A 50 2.89 -0.38 30.64
C THR A 50 3.33 -1.16 29.41
N LYS A 51 3.20 -0.56 28.23
CA LYS A 51 3.60 -1.27 27.02
C LYS A 51 4.82 -0.69 26.30
N SER A 52 5.56 -1.54 25.61
CA SER A 52 6.74 -1.09 24.88
C SER A 52 6.42 -1.01 23.40
N GLU A 53 5.18 -1.28 23.05
CA GLU A 53 4.69 -1.21 21.67
C GLU A 53 3.21 -0.85 21.70
N ILE A 54 2.78 -0.02 20.76
CA ILE A 54 1.38 0.39 20.69
C ILE A 54 0.80 -0.07 19.35
N LYS A 55 -0.18 -0.96 19.40
CA LYS A 55 -0.82 -1.50 18.18
C LYS A 55 -2.12 -0.76 17.82
N ILE A 56 -2.17 -0.21 16.60
CA ILE A 56 -3.33 0.52 16.09
C ILE A 56 -3.89 -0.12 14.81
N LEU A 57 -5.20 -0.43 14.80
CA LEU A 57 -5.82 -1.05 13.62
C LEU A 57 -6.78 -0.09 12.91
N SER A 58 -6.50 0.21 11.64
CA SER A 58 -7.35 1.11 10.86
C SER A 58 -8.22 0.30 9.93
N ILE A 59 -9.53 0.29 10.18
CA ILE A 59 -10.46 -0.44 9.31
C ILE A 59 -11.04 0.56 8.34
N GLY A 60 -10.79 0.36 7.06
CA GLY A 60 -11.30 1.29 6.07
C GLY A 60 -10.45 2.54 6.13
N GLY A 61 -9.21 2.34 6.59
CA GLY A 61 -8.25 3.44 6.71
C GLY A 61 -8.39 4.55 5.68
N GLY A 62 -8.61 4.17 4.42
CA GLY A 62 -8.77 5.17 3.38
C GLY A 62 -7.47 5.73 2.84
N ALA A 63 -7.41 7.05 2.68
CA ALA A 63 -6.22 7.73 2.17
C ALA A 63 -5.20 7.99 3.28
N GLY A 64 -5.66 8.17 4.52
CA GLY A 64 -4.73 8.34 5.66
C GLY A 64 -4.60 9.72 6.34
N GLU A 65 -5.29 10.76 5.88
CA GLU A 65 -5.18 12.05 6.54
C GLU A 65 -5.44 11.98 8.05
N ILE A 66 -6.65 11.57 8.41
CA ILE A 66 -7.02 11.46 9.81
C ILE A 66 -6.18 10.42 10.52
N ASP A 67 -5.87 9.33 9.82
CA ASP A 67 -5.04 8.26 10.36
C ASP A 67 -3.76 8.90 10.91
N LEU A 68 -3.13 9.72 10.09
CA LEU A 68 -1.89 10.40 10.45
C LEU A 68 -2.06 11.36 11.62
N GLN A 69 -3.22 11.99 11.74
CA GLN A 69 -3.47 12.91 12.84
C GLN A 69 -3.58 12.15 14.14
N ILE A 70 -4.10 10.94 14.05
CA ILE A 70 -4.28 10.09 15.22
C ILE A 70 -2.93 9.66 15.77
N LEU A 71 -2.07 9.21 14.87
CA LEU A 71 -0.73 8.78 15.26
C LEU A 71 0.01 9.90 16.01
N SER A 72 -0.07 11.12 15.48
CA SER A 72 0.63 12.24 16.10
C SER A 72 0.19 12.48 17.53
N LYS A 73 -1.11 12.40 17.82
CA LYS A 73 -1.55 12.60 19.19
C LYS A 73 -1.04 11.43 20.05
N VAL A 74 -1.04 10.23 19.50
CA VAL A 74 -0.56 9.08 20.24
C VAL A 74 0.93 9.24 20.54
N GLN A 75 1.70 9.73 19.57
CA GLN A 75 3.15 9.90 19.76
C GLN A 75 3.57 10.91 20.83
N ALA A 76 2.89 12.06 20.90
CA ALA A 76 3.23 13.08 21.89
C ALA A 76 2.97 12.58 23.31
N GLN A 77 2.02 11.66 23.44
CA GLN A 77 1.62 11.07 24.72
C GLN A 77 2.54 9.94 25.14
N TYR A 78 3.23 9.33 24.18
CA TYR A 78 4.13 8.21 24.46
C TYR A 78 5.45 8.34 23.70
N PRO A 79 6.26 9.35 24.05
CA PRO A 79 7.55 9.59 23.39
C PRO A 79 8.44 8.34 23.43
N GLY A 80 9.07 8.03 22.30
CA GLY A 80 9.98 6.90 22.21
C GLY A 80 9.37 5.54 21.97
N VAL A 81 8.06 5.42 22.16
CA VAL A 81 7.41 4.13 21.97
C VAL A 81 7.04 3.75 20.52
N CYS A 82 7.54 2.59 20.08
N CYS A 82 7.58 2.62 20.05
CA CYS A 82 7.28 2.09 18.73
CA CYS A 82 7.30 2.15 18.70
C CYS A 82 5.77 1.88 18.53
C CYS A 82 5.81 1.90 18.52
N ILE A 83 5.27 2.28 17.37
CA ILE A 83 3.86 2.11 17.07
C ILE A 83 3.73 1.25 15.83
N ASN A 84 2.77 0.34 15.87
CA ASN A 84 2.52 -0.58 14.76
C ASN A 84 1.13 -0.25 14.23
N ASN A 85 1.06 0.33 13.05
CA ASN A 85 -0.21 0.71 12.45
C ASN A 85 -0.57 -0.17 11.24
N GLU A 86 -1.56 -1.03 11.41
CA GLU A 86 -2.04 -1.90 10.33
C GLU A 86 -3.29 -1.28 9.74
N VAL A 87 -3.46 -1.45 8.44
CA VAL A 87 -4.59 -0.90 7.70
C VAL A 87 -5.36 -1.94 6.90
N VAL A 88 -6.67 -2.00 7.14
CA VAL A 88 -7.53 -2.93 6.42
C VAL A 88 -8.33 -2.12 5.40
N GLU A 89 -7.97 -2.21 4.13
CA GLU A 89 -8.65 -1.45 3.07
C GLU A 89 -8.67 -2.23 1.74
N PRO A 90 -9.88 -2.44 1.19
CA PRO A 90 -10.14 -3.17 -0.05
C PRO A 90 -9.72 -2.53 -1.39
N SER A 91 -9.76 -1.20 -1.44
CA SER A 91 -9.41 -0.48 -2.66
C SER A 91 -7.93 -0.13 -2.84
N ALA A 92 -7.34 -0.72 -3.89
CA ALA A 92 -5.94 -0.49 -4.21
C ALA A 92 -5.70 0.99 -4.44
N GLU A 93 -6.69 1.65 -5.05
CA GLU A 93 -6.57 3.07 -5.31
C GLU A 93 -6.37 3.81 -3.98
N GLN A 94 -7.23 3.53 -3.00
CA GLN A 94 -7.11 4.17 -1.70
C GLN A 94 -5.75 3.87 -1.06
N ILE A 95 -5.29 2.63 -1.17
CA ILE A 95 -4.01 2.22 -0.58
C ILE A 95 -2.84 2.95 -1.24
N ALA A 96 -2.93 3.15 -2.56
CA ALA A 96 -1.89 3.84 -3.31
C ALA A 96 -1.65 5.26 -2.75
N LYS A 97 -2.72 6.02 -2.58
CA LYS A 97 -2.63 7.37 -2.06
C LYS A 97 -2.18 7.38 -0.61
N TYR A 98 -2.67 6.41 0.17
CA TYR A 98 -2.28 6.33 1.57
C TYR A 98 -0.75 6.20 1.62
N LYS A 99 -0.19 5.33 0.79
CA LYS A 99 1.27 5.16 0.77
C LYS A 99 1.97 6.45 0.38
N GLU A 100 1.45 7.10 -0.67
CA GLU A 100 2.04 8.35 -1.14
C GLU A 100 2.13 9.37 -0.01
N LEU A 101 1.06 9.52 0.74
CA LEU A 101 1.05 10.48 1.84
C LEU A 101 2.12 10.18 2.88
N VAL A 102 2.28 8.92 3.23
CA VAL A 102 3.27 8.51 4.22
C VAL A 102 4.69 8.87 3.82
N ALA A 103 5.03 8.61 2.55
CA ALA A 103 6.36 8.90 2.04
C ALA A 103 6.71 10.39 1.97
N LYS A 104 5.76 11.26 2.31
CA LYS A 104 5.99 12.70 2.27
C LYS A 104 6.06 13.29 3.68
N THR A 105 5.56 12.54 4.66
CA THR A 105 5.57 13.00 6.05
C THR A 105 6.90 12.59 6.67
N SER A 106 7.47 13.48 7.53
CA SER A 106 8.79 13.18 8.07
C SER A 106 8.91 12.82 9.56
N ASN A 107 7.80 12.82 10.30
CA ASN A 107 7.85 12.51 11.73
C ASN A 107 7.28 11.10 11.96
N LEU A 108 7.78 10.12 11.21
CA LEU A 108 7.27 8.75 11.32
C LEU A 108 8.31 7.63 11.45
N GLU A 109 9.35 7.83 12.26
CA GLU A 109 10.37 6.80 12.45
C GLU A 109 9.92 5.65 13.35
N ASN A 110 9.37 5.95 14.52
CA ASN A 110 8.90 4.90 15.43
C ASN A 110 7.58 4.33 14.96
N VAL A 111 7.28 4.48 13.67
CA VAL A 111 6.02 3.99 13.14
C VAL A 111 6.14 3.09 11.92
N LYS A 112 5.73 1.84 12.05
CA LYS A 112 5.80 0.95 10.90
C LYS A 112 4.39 0.58 10.45
N PHE A 113 4.12 0.73 9.16
CA PHE A 113 2.81 0.41 8.60
C PHE A 113 2.82 -0.90 7.81
N ALA A 114 1.67 -1.47 7.66
CA ALA A 114 1.42 -2.67 6.91
C ALA A 114 0.00 -2.53 6.32
N TRP A 115 -0.14 -2.66 5.02
CA TRP A 115 -1.45 -2.52 4.38
C TRP A 115 -1.99 -3.87 3.91
N HIS A 116 -3.27 -4.11 4.13
CA HIS A 116 -3.95 -5.36 3.74
C HIS A 116 -5.15 -5.05 2.82
N LYS A 117 -5.05 -5.44 1.56
CA LYS A 117 -6.16 -5.21 0.62
C LYS A 117 -7.24 -6.28 0.80
N GLU A 118 -8.19 -6.00 1.69
CA GLU A 118 -9.30 -6.92 1.98
C GLU A 118 -10.39 -6.15 2.71
N THR A 119 -11.54 -6.79 2.92
CA THR A 119 -12.63 -6.13 3.61
C THR A 119 -12.53 -6.51 5.07
N SER A 120 -13.26 -5.82 5.92
CA SER A 120 -13.21 -6.12 7.34
C SER A 120 -13.74 -7.52 7.56
N SER A 121 -14.64 -7.97 6.69
CA SER A 121 -15.21 -9.31 6.81
C SER A 121 -14.15 -10.35 6.51
N GLU A 122 -13.45 -10.17 5.39
CA GLU A 122 -12.41 -11.11 5.02
C GLU A 122 -11.41 -11.15 6.17
N TYR A 123 -11.07 -9.97 6.72
CA TYR A 123 -10.14 -9.89 7.85
C TYR A 123 -10.70 -10.72 8.99
N GLN A 124 -11.95 -10.46 9.35
CA GLN A 124 -12.61 -11.18 10.43
C GLN A 124 -12.54 -12.70 10.26
N SER A 125 -13.04 -13.20 9.12
CA SER A 125 -13.03 -14.64 8.88
C SER A 125 -11.63 -15.21 8.80
N ARG A 126 -10.77 -14.55 8.04
N ARG A 126 -10.77 -14.54 8.04
CA ARG A 126 -9.39 -15.02 7.88
CA ARG A 126 -9.38 -14.94 7.85
C ARG A 126 -8.61 -15.03 9.20
C ARG A 126 -8.57 -14.93 9.15
N MET A 127 -9.09 -14.27 10.18
CA MET A 127 -8.43 -14.19 11.48
C MET A 127 -9.07 -15.17 12.45
N LEU A 128 -10.28 -15.60 12.15
CA LEU A 128 -10.99 -16.55 13.01
C LEU A 128 -10.54 -17.97 12.67
N GLU A 129 -9.78 -18.10 11.57
CA GLU A 129 -9.26 -19.40 11.13
C GLU A 129 -7.91 -19.75 11.77
N LYS A 130 -7.06 -18.75 11.92
CA LYS A 130 -5.78 -18.93 12.54
C LYS A 130 -5.95 -19.34 13.96
N LYS A 131 -4.91 -19.18 14.74
CA LYS A 131 -4.91 -19.53 16.17
C LYS A 131 -5.63 -18.49 17.01
N GLU A 132 -5.07 -18.20 18.18
CA GLU A 132 -5.62 -17.23 19.13
C GLU A 132 -5.56 -15.81 18.53
N LEU A 133 -6.51 -14.96 18.93
CA LEU A 133 -6.64 -13.60 18.38
C LEU A 133 -5.57 -12.61 18.82
N GLN A 134 -5.06 -11.82 17.87
CA GLN A 134 -4.05 -10.81 18.16
C GLN A 134 -4.81 -9.64 18.75
N LYS A 135 -4.32 -9.08 19.86
CA LYS A 135 -4.99 -7.95 20.49
C LYS A 135 -4.49 -6.58 20.02
N TRP A 136 -5.35 -5.57 20.10
CA TRP A 136 -5.04 -4.20 19.67
C TRP A 136 -5.29 -3.19 20.79
N ASP A 137 -4.50 -2.11 20.79
CA ASP A 137 -4.63 -1.05 21.79
C ASP A 137 -5.60 0.07 21.35
N PHE A 138 -5.83 0.18 20.04
CA PHE A 138 -6.73 1.19 19.52
C PHE A 138 -7.22 0.75 18.13
N ILE A 139 -8.53 0.77 17.95
CA ILE A 139 -9.14 0.38 16.68
C ILE A 139 -10.07 1.50 16.23
N HIS A 140 -10.07 1.84 14.94
CA HIS A 140 -10.98 2.88 14.48
C HIS A 140 -11.64 2.60 13.15
N MET A 141 -12.93 2.92 13.09
CA MET A 141 -13.77 2.71 11.92
C MET A 141 -14.41 4.04 11.54
N ILE A 142 -13.71 4.80 10.72
CA ILE A 142 -14.17 6.12 10.29
C ILE A 142 -15.02 6.17 9.02
N GLN A 143 -16.30 6.50 9.18
CA GLN A 143 -17.23 6.61 8.06
C GLN A 143 -17.22 5.41 7.10
N MET A 144 -17.22 4.19 7.64
CA MET A 144 -17.20 2.98 6.76
C MET A 144 -18.20 1.89 7.14
N LEU A 145 -18.94 2.03 8.23
CA LEU A 145 -19.93 1.02 8.61
C LEU A 145 -21.03 0.90 7.56
N TYR A 146 -21.20 1.93 6.74
CA TYR A 146 -22.24 1.91 5.70
C TYR A 146 -21.99 0.77 4.74
N TYR A 147 -20.74 0.32 4.63
CA TYR A 147 -20.36 -0.75 3.72
C TYR A 147 -20.21 -2.14 4.33
N VAL A 148 -20.64 -2.29 5.57
CA VAL A 148 -20.55 -3.59 6.24
C VAL A 148 -21.91 -4.26 6.18
N LYS A 149 -21.91 -5.57 5.93
CA LYS A 149 -23.18 -6.27 5.83
C LYS A 149 -23.77 -6.60 7.21
N ASP A 150 -22.97 -7.21 8.08
CA ASP A 150 -23.41 -7.61 9.41
C ASP A 150 -22.78 -6.73 10.52
N ILE A 151 -23.40 -5.59 10.82
CA ILE A 151 -22.88 -4.67 11.83
C ILE A 151 -22.74 -5.26 13.24
N PRO A 152 -23.78 -5.92 13.76
CA PRO A 152 -23.66 -6.50 15.10
C PRO A 152 -22.46 -7.45 15.26
N ALA A 153 -22.35 -8.44 14.37
CA ALA A 153 -21.26 -9.38 14.46
C ALA A 153 -19.93 -8.63 14.36
N THR A 154 -19.89 -7.61 13.51
CA THR A 154 -18.70 -6.80 13.33
C THR A 154 -18.30 -6.06 14.61
N LEU A 155 -19.29 -5.49 15.30
CA LEU A 155 -19.01 -4.76 16.53
C LEU A 155 -18.56 -5.70 17.67
N LYS A 156 -19.20 -6.86 17.77
CA LYS A 156 -18.85 -7.82 18.80
C LYS A 156 -17.45 -8.36 18.53
N PHE A 157 -17.16 -8.64 17.27
CA PHE A 157 -15.83 -9.17 16.91
C PHE A 157 -14.69 -8.20 17.24
N PHE A 158 -14.69 -7.03 16.62
CA PHE A 158 -13.62 -6.07 16.83
C PHE A 158 -13.47 -5.61 18.28
N HIS A 159 -14.54 -5.67 19.04
CA HIS A 159 -14.46 -5.30 20.45
C HIS A 159 -13.68 -6.40 21.20
N SER A 160 -13.80 -7.64 20.71
CA SER A 160 -13.11 -8.76 21.35
C SER A 160 -11.60 -8.74 21.10
N LEU A 161 -11.15 -7.85 20.22
CA LEU A 161 -9.74 -7.75 19.92
C LEU A 161 -9.05 -6.68 20.78
N LEU A 162 -9.83 -5.94 21.55
CA LEU A 162 -9.32 -4.86 22.40
C LEU A 162 -8.53 -5.36 23.62
N GLY A 163 -7.28 -4.92 23.74
CA GLY A 163 -6.47 -5.32 24.87
C GLY A 163 -6.77 -4.51 26.11
N THR A 164 -5.93 -4.64 27.14
CA THR A 164 -6.11 -3.92 28.40
C THR A 164 -6.11 -2.41 28.18
N ASN A 165 -7.07 -1.72 28.79
CA ASN A 165 -7.18 -0.27 28.67
C ASN A 165 -7.35 0.18 27.22
N ALA A 166 -7.75 -0.72 26.32
CA ALA A 166 -7.92 -0.36 24.91
C ALA A 166 -9.25 0.34 24.60
N LYS A 167 -9.28 1.05 23.48
CA LYS A 167 -10.50 1.75 23.08
C LYS A 167 -10.77 1.64 21.59
N MET A 168 -12.06 1.59 21.24
CA MET A 168 -12.46 1.52 19.84
C MET A 168 -13.26 2.77 19.51
N LEU A 169 -12.91 3.43 18.41
CA LEU A 169 -13.58 4.67 17.96
C LEU A 169 -14.35 4.49 16.66
N ILE A 170 -15.59 4.96 16.64
CA ILE A 170 -16.40 4.83 15.44
C ILE A 170 -17.08 6.14 15.06
N ILE A 171 -17.04 6.45 13.77
CA ILE A 171 -17.65 7.67 13.28
C ILE A 171 -18.68 7.47 12.15
N VAL A 172 -19.90 7.99 12.37
CA VAL A 172 -20.99 7.96 11.39
C VAL A 172 -21.81 9.23 11.57
N VAL A 173 -22.66 9.55 10.60
CA VAL A 173 -23.52 10.72 10.69
C VAL A 173 -24.41 10.59 11.92
N SER A 174 -24.79 11.74 12.48
CA SER A 174 -25.64 11.73 13.67
C SER A 174 -27.11 11.41 13.38
N GLY A 175 -27.78 10.86 14.38
CA GLY A 175 -29.20 10.56 14.24
C GLY A 175 -30.00 11.84 14.15
N SER A 176 -29.36 12.97 14.47
CA SER A 176 -30.01 14.27 14.42
C SER A 176 -29.49 15.13 13.26
N SER A 177 -28.90 14.48 12.25
CA SER A 177 -28.41 15.25 11.11
C SER A 177 -29.47 15.19 10.03
N GLY A 178 -29.27 15.94 8.95
CA GLY A 178 -30.23 15.95 7.86
C GLY A 178 -30.30 14.60 7.18
N TRP A 179 -29.16 13.91 7.09
CA TRP A 179 -29.14 12.59 6.46
C TRP A 179 -30.21 11.71 7.12
N ASP A 180 -30.26 11.74 8.44
CA ASP A 180 -31.25 10.96 9.17
C ASP A 180 -32.64 11.27 8.64
N LYS A 181 -32.96 12.55 8.50
CA LYS A 181 -34.28 12.95 7.99
C LYS A 181 -34.42 12.58 6.52
N LEU A 182 -33.37 12.76 5.74
CA LEU A 182 -33.40 12.43 4.32
C LEU A 182 -33.68 10.96 4.03
N TRP A 183 -33.00 10.06 4.75
CA TRP A 183 -33.18 8.61 4.53
C TRP A 183 -34.51 8.04 5.01
N LYS A 184 -34.96 8.44 6.20
CA LYS A 184 -36.23 7.95 6.71
C LYS A 184 -37.39 8.28 5.77
N LYS A 185 -37.45 9.54 5.34
CA LYS A 185 -38.51 10.03 4.49
C LYS A 185 -38.45 9.72 2.98
N TYR A 186 -37.25 9.56 2.43
CA TYR A 186 -37.10 9.25 1.01
C TYR A 186 -36.21 8.03 0.75
N GLY A 187 -35.82 7.34 1.81
CA GLY A 187 -34.95 6.18 1.68
C GLY A 187 -35.32 5.11 0.68
N SER A 188 -36.60 4.78 0.57
CA SER A 188 -37.02 3.74 -0.35
C SER A 188 -37.21 4.24 -1.78
N ARG A 189 -37.42 5.53 -1.96
N ARG A 189 -37.41 5.54 -1.94
CA ARG A 189 -37.60 6.08 -3.30
CA ARG A 189 -37.60 6.11 -3.27
C ARG A 189 -36.27 6.30 -3.99
C ARG A 189 -36.26 6.35 -3.95
N PHE A 190 -35.19 5.84 -3.36
CA PHE A 190 -33.84 5.96 -3.91
C PHE A 190 -33.34 4.56 -4.26
N PRO A 191 -32.54 4.45 -5.33
CA PRO A 191 -31.97 3.17 -5.79
C PRO A 191 -31.38 2.31 -4.68
N GLN A 192 -31.81 1.05 -4.65
CA GLN A 192 -31.31 0.13 -3.64
C GLN A 192 -30.03 -0.53 -4.13
N ASP A 193 -28.91 -0.20 -3.48
CA ASP A 193 -27.60 -0.77 -3.82
C ASP A 193 -27.19 -1.63 -2.61
N ASP A 194 -27.17 -2.95 -2.78
CA ASP A 194 -26.81 -3.83 -1.67
C ASP A 194 -25.32 -3.79 -1.35
N LEU A 195 -24.68 -2.69 -1.71
CA LEU A 195 -23.26 -2.51 -1.45
C LEU A 195 -23.10 -1.59 -0.23
N CYS A 196 -24.16 -0.88 0.11
CA CYS A 196 -24.11 0.03 1.25
C CYS A 196 -25.50 0.28 1.84
N GLN A 197 -25.58 0.39 3.16
CA GLN A 197 -26.87 0.63 3.82
C GLN A 197 -26.84 1.95 4.60
N TYR A 198 -28.02 2.49 4.93
CA TYR A 198 -28.13 3.74 5.67
C TYR A 198 -27.89 3.51 7.16
N ILE A 199 -26.99 4.28 7.76
CA ILE A 199 -26.72 4.12 9.17
C ILE A 199 -26.44 5.45 9.85
N THR A 200 -27.06 5.67 10.99
CA THR A 200 -26.86 6.89 11.78
C THR A 200 -26.44 6.46 13.18
N SER A 201 -26.14 7.41 14.05
CA SER A 201 -25.74 7.08 15.41
C SER A 201 -26.88 6.42 16.21
N ASP A 202 -28.13 6.72 15.85
CA ASP A 202 -29.26 6.12 16.55
C ASP A 202 -29.19 4.61 16.37
N ASP A 203 -29.11 4.17 15.12
CA ASP A 203 -29.03 2.74 14.82
C ASP A 203 -27.88 2.07 15.56
N LEU A 204 -26.70 2.70 15.52
N LEU A 204 -26.70 2.72 15.53
CA LEU A 204 -25.52 2.15 16.18
CA LEU A 204 -25.51 2.19 16.17
C LEU A 204 -25.67 2.01 17.69
C LEU A 204 -25.65 2.02 17.68
N THR A 205 -26.17 3.05 18.35
CA THR A 205 -26.33 3.00 19.79
C THR A 205 -27.32 1.93 20.23
N GLN A 206 -28.35 1.67 19.42
CA GLN A 206 -29.32 0.64 19.78
C GLN A 206 -28.63 -0.73 19.66
N MET A 207 -27.84 -0.91 18.61
CA MET A 207 -27.14 -2.17 18.44
C MET A 207 -26.12 -2.36 19.54
N LEU A 208 -25.52 -1.26 20.01
CA LEU A 208 -24.54 -1.37 21.08
C LEU A 208 -25.22 -1.66 22.42
N ASP A 209 -26.37 -1.02 22.69
CA ASP A 209 -27.10 -1.26 23.93
C ASP A 209 -27.54 -2.73 23.97
N ASN A 210 -27.94 -3.26 22.80
CA ASN A 210 -28.37 -4.65 22.73
C ASN A 210 -27.20 -5.62 22.91
N LEU A 211 -26.02 -5.25 22.44
CA LEU A 211 -24.84 -6.11 22.60
C LEU A 211 -24.30 -6.00 24.02
N GLY A 212 -24.80 -5.01 24.76
CA GLY A 212 -24.38 -4.81 26.14
C GLY A 212 -22.97 -4.24 26.33
N LEU A 213 -22.52 -3.41 25.40
CA LEU A 213 -21.20 -2.82 25.49
C LEU A 213 -21.28 -1.40 26.07
N LYS A 214 -20.20 -0.98 26.70
CA LYS A 214 -20.11 0.34 27.31
C LYS A 214 -19.48 1.32 26.32
N TYR A 215 -20.18 2.42 26.05
CA TYR A 215 -19.71 3.43 25.10
C TYR A 215 -20.05 4.86 25.52
N GLU A 216 -19.54 5.83 24.77
CA GLU A 216 -19.78 7.25 25.00
C GLU A 216 -19.92 7.90 23.62
N CYS A 217 -20.96 8.70 23.44
CA CYS A 217 -21.23 9.33 22.14
C CYS A 217 -21.21 10.86 22.13
N TYR A 218 -20.29 11.44 21.36
CA TYR A 218 -20.19 12.91 21.23
C TYR A 218 -20.61 13.34 19.83
N ASP A 219 -21.46 14.35 19.73
CA ASP A 219 -21.88 14.85 18.43
C ASP A 219 -21.11 16.15 18.17
N LEU A 220 -20.89 16.48 16.90
CA LEU A 220 -20.18 17.69 16.53
C LEU A 220 -20.73 18.17 15.20
N LEU A 221 -21.22 19.40 15.19
CA LEU A 221 -21.84 20.00 14.01
C LEU A 221 -20.92 20.15 12.80
N SER A 222 -21.47 19.88 11.63
CA SER A 222 -20.75 20.01 10.37
C SER A 222 -21.79 20.43 9.34
N THR A 223 -21.38 21.11 8.27
CA THR A 223 -22.33 21.53 7.24
C THR A 223 -21.85 21.25 5.84
N MET A 224 -22.79 21.29 4.90
CA MET A 224 -22.52 21.06 3.48
C MET A 224 -23.30 22.11 2.70
N ASP A 225 -22.60 23.06 2.10
CA ASP A 225 -23.25 24.12 1.35
C ASP A 225 -23.92 23.59 0.09
N ILE A 226 -25.25 23.56 0.12
CA ILE A 226 -26.00 23.07 -1.03
C ILE A 226 -26.72 24.24 -1.71
N SER A 227 -26.09 25.42 -1.69
CA SER A 227 -26.67 26.59 -2.30
C SER A 227 -26.89 26.39 -3.80
N ASP A 228 -25.96 25.72 -4.47
CA ASP A 228 -26.07 25.44 -5.91
C ASP A 228 -27.22 24.48 -6.23
N CYS A 229 -27.84 23.94 -5.19
CA CYS A 229 -28.94 23.00 -5.36
C CYS A 229 -30.26 23.71 -5.67
N PHE A 230 -30.29 25.03 -5.45
CA PHE A 230 -31.49 25.81 -5.70
C PHE A 230 -31.33 26.74 -6.91
N ILE A 231 -30.24 26.56 -7.65
CA ILE A 231 -30.00 27.38 -8.85
C ILE A 231 -30.15 26.51 -10.09
N ASP A 232 -31.37 26.48 -10.61
CA ASP A 232 -31.73 25.70 -11.79
C ASP A 232 -30.61 25.63 -12.81
N GLY A 233 -30.24 24.42 -13.21
CA GLY A 233 -29.20 24.23 -14.21
C GLY A 233 -27.76 24.33 -13.73
N ASN A 234 -27.57 24.48 -12.42
CA ASN A 234 -26.24 24.59 -11.84
C ASN A 234 -25.54 23.22 -11.88
N GLU A 235 -24.51 23.09 -12.72
CA GLU A 235 -23.79 21.84 -12.88
C GLU A 235 -23.09 21.28 -11.64
N ASN A 236 -22.72 22.15 -10.70
CA ASN A 236 -22.08 21.68 -9.49
C ASN A 236 -23.20 21.31 -8.52
N GLY A 237 -24.25 22.14 -8.50
CA GLY A 237 -25.38 21.90 -7.63
C GLY A 237 -26.01 20.55 -7.96
N ASP A 238 -25.85 20.13 -9.22
CA ASP A 238 -26.37 18.85 -9.69
C ASP A 238 -25.50 17.73 -9.12
N LEU A 239 -24.20 18.00 -9.02
CA LEU A 239 -23.25 17.03 -8.48
C LEU A 239 -23.66 16.65 -7.06
N LEU A 240 -23.93 17.66 -6.24
CA LEU A 240 -24.35 17.44 -4.86
C LEU A 240 -25.65 16.65 -4.84
N TRP A 241 -26.48 16.81 -5.88
CA TRP A 241 -27.74 16.09 -5.98
C TRP A 241 -27.46 14.59 -6.06
N ASP A 242 -26.45 14.22 -6.83
CA ASP A 242 -26.12 12.82 -6.99
C ASP A 242 -25.55 12.18 -5.71
N PHE A 243 -24.75 12.93 -4.97
CA PHE A 243 -24.16 12.40 -3.74
C PHE A 243 -25.23 12.15 -2.68
N LEU A 244 -26.12 13.13 -2.51
CA LEU A 244 -27.21 13.04 -1.53
C LEU A 244 -28.17 11.90 -1.81
N THR A 245 -28.58 11.82 -3.07
CA THR A 245 -29.52 10.81 -3.52
C THR A 245 -28.90 9.45 -3.78
N GLU A 246 -27.58 9.41 -3.97
CA GLU A 246 -26.90 8.15 -4.25
C GLU A 246 -27.37 7.68 -5.63
N THR A 247 -27.68 8.64 -6.51
CA THR A 247 -28.15 8.32 -7.86
C THR A 247 -27.52 9.19 -8.96
N CYS A 248 -27.08 8.54 -10.04
CA CYS A 248 -26.48 9.25 -11.17
C CYS A 248 -27.54 10.11 -11.88
N ASN A 249 -27.15 11.31 -12.28
CA ASN A 249 -28.04 12.21 -13.00
C ASN A 249 -29.44 12.29 -12.37
N PHE A 250 -29.49 12.31 -11.06
CA PHE A 250 -30.76 12.37 -10.35
C PHE A 250 -31.75 13.38 -10.95
N ASN A 251 -31.27 14.59 -11.20
CA ASN A 251 -32.11 15.66 -11.76
C ASN A 251 -32.85 15.27 -13.05
N ALA A 252 -32.19 14.49 -13.94
CA ALA A 252 -32.79 14.12 -15.23
C ALA A 252 -33.33 12.67 -15.32
N THR A 253 -33.64 12.06 -14.21
CA THR A 253 -34.11 10.67 -14.21
C THR A 253 -35.16 10.43 -13.15
N ALA A 254 -35.17 11.30 -12.17
CA ALA A 254 -36.11 11.20 -11.05
C ALA A 254 -37.48 11.80 -11.36
N PRO A 255 -38.55 11.06 -11.05
CA PRO A 255 -39.92 11.53 -11.29
C PRO A 255 -40.10 12.99 -10.92
N PRO A 256 -40.64 13.80 -11.84
CA PRO A 256 -40.84 15.23 -11.58
C PRO A 256 -41.55 15.47 -10.24
N ASP A 257 -42.26 14.44 -9.78
CA ASP A 257 -43.01 14.50 -8.54
C ASP A 257 -42.09 14.23 -7.34
N LEU A 258 -40.89 13.75 -7.63
CA LEU A 258 -39.91 13.45 -6.59
C LEU A 258 -39.09 14.68 -6.26
N ARG A 259 -38.29 15.15 -7.22
CA ARG A 259 -37.45 16.32 -6.98
C ARG A 259 -38.26 17.48 -6.43
N ALA A 260 -39.42 17.72 -7.04
CA ALA A 260 -40.30 18.80 -6.62
C ALA A 260 -40.55 18.75 -5.12
N GLU A 261 -40.54 17.54 -4.57
CA GLU A 261 -40.76 17.35 -3.14
C GLU A 261 -39.49 17.70 -2.38
N LEU A 262 -38.37 17.14 -2.81
CA LEU A 262 -37.08 17.39 -2.17
C LEU A 262 -36.76 18.87 -1.99
N GLY A 263 -36.99 19.64 -3.05
CA GLY A 263 -36.73 21.07 -3.01
C GLY A 263 -37.23 21.77 -1.76
N LYS A 264 -38.49 21.55 -1.44
CA LYS A 264 -39.08 22.19 -0.26
C LYS A 264 -38.45 21.69 1.05
N ASP A 265 -38.12 20.39 1.09
CA ASP A 265 -37.53 19.82 2.29
C ASP A 265 -36.05 20.15 2.50
N LEU A 266 -35.26 20.22 1.41
CA LEU A 266 -33.85 20.54 1.56
C LEU A 266 -33.66 22.00 1.96
N GLN A 267 -34.63 22.52 2.70
CA GLN A 267 -34.61 23.90 3.17
C GLN A 267 -35.24 24.03 4.56
N GLU A 268 -35.97 22.99 4.97
CA GLU A 268 -36.63 22.97 6.27
C GLU A 268 -35.63 22.91 7.42
N PRO A 269 -35.99 23.47 8.58
CA PRO A 269 -35.17 23.51 9.79
C PRO A 269 -34.65 22.13 10.24
N GLU A 270 -35.11 21.09 9.57
CA GLU A 270 -34.70 19.71 9.88
C GLU A 270 -33.61 19.25 8.92
N PHE A 271 -33.70 19.68 7.67
CA PHE A 271 -32.70 19.30 6.68
C PHE A 271 -31.53 20.25 6.65
N SER A 272 -31.82 21.54 6.44
CA SER A 272 -30.79 22.54 6.37
C SER A 272 -31.17 23.86 7.01
N ALA A 273 -30.16 24.64 7.37
CA ALA A 273 -30.36 25.94 7.96
C ALA A 273 -29.94 26.92 6.88
N LYS A 274 -30.58 28.09 6.86
CA LYS A 274 -30.26 29.11 5.86
C LYS A 274 -29.69 30.35 6.52
N LYS A 275 -28.58 30.86 6.00
CA LYS A 275 -27.94 32.05 6.55
C LYS A 275 -26.75 32.54 5.72
N GLU A 276 -26.56 33.85 5.69
CA GLU A 276 -25.47 34.46 4.92
C GLU A 276 -25.71 34.20 3.43
N GLY A 277 -26.98 34.12 3.06
CA GLY A 277 -27.33 33.87 1.67
C GLY A 277 -26.97 32.45 1.27
N LYS A 278 -26.84 31.59 2.27
CA LYS A 278 -26.47 30.20 2.03
C LYS A 278 -27.45 29.18 2.61
N VAL A 279 -27.37 27.96 2.09
CA VAL A 279 -28.19 26.84 2.55
C VAL A 279 -27.18 25.80 3.03
N LEU A 280 -27.22 25.47 4.31
CA LEU A 280 -26.27 24.50 4.86
C LEU A 280 -26.88 23.20 5.37
N PHE A 281 -26.84 22.17 4.52
CA PHE A 281 -27.36 20.86 4.89
C PHE A 281 -26.67 20.40 6.18
N ASN A 282 -27.46 19.96 7.16
CA ASN A 282 -26.93 19.51 8.44
C ASN A 282 -26.08 18.23 8.34
N ASN A 283 -24.77 18.36 8.49
CA ASN A 283 -23.85 17.22 8.39
C ASN A 283 -23.25 16.80 9.72
N THR A 284 -24.00 17.00 10.81
CA THR A 284 -23.51 16.65 12.14
C THR A 284 -22.95 15.23 12.18
N LEU A 285 -21.81 15.08 12.84
CA LEU A 285 -21.13 13.79 12.95
C LEU A 285 -21.17 13.23 14.36
N SER A 286 -21.10 11.91 14.48
CA SER A 286 -21.10 11.27 15.78
C SER A 286 -19.80 10.50 15.99
N PHE A 287 -19.23 10.63 17.19
CA PHE A 287 -18.00 9.94 17.56
C PHE A 287 -18.32 9.04 18.75
N ILE A 288 -18.33 7.73 18.52
CA ILE A 288 -18.63 6.78 19.58
C ILE A 288 -17.32 6.14 20.03
N VAL A 289 -17.09 6.12 21.34
CA VAL A 289 -15.90 5.53 21.91
C VAL A 289 -16.34 4.31 22.71
N ILE A 290 -15.86 3.14 22.31
CA ILE A 290 -16.23 1.89 22.95
C ILE A 290 -15.12 1.34 23.86
N GLU A 291 -15.41 1.20 25.15
CA GLU A 291 -14.46 0.70 26.13
C GLU A 291 -14.27 -0.81 25.99
N ALA A 292 -13.08 -1.28 26.30
CA ALA A 292 -12.80 -2.72 26.23
C ALA A 292 -13.63 -3.44 27.29
N MET B 5 8.34 -3.00 -33.47
CA MET B 5 8.60 -2.76 -32.02
C MET B 5 8.78 -4.09 -31.29
N ARG B 6 10.05 -4.51 -31.15
CA ARG B 6 10.39 -5.76 -30.49
C ARG B 6 10.83 -5.55 -29.05
N SER B 7 10.97 -6.66 -28.31
CA SER B 7 11.38 -6.62 -26.91
C SER B 7 12.88 -6.42 -26.77
N LEU B 8 13.28 -5.62 -25.78
CA LEU B 8 14.69 -5.34 -25.54
C LEU B 8 15.40 -6.69 -25.41
N PHE B 9 14.63 -7.72 -25.06
CA PHE B 9 15.14 -9.07 -24.94
C PHE B 9 15.10 -9.70 -26.34
N SER B 10 15.53 -8.92 -27.33
CA SER B 10 15.56 -9.41 -28.70
C SER B 10 17.02 -9.38 -29.13
N ASP B 11 17.82 -8.73 -28.30
CA ASP B 11 19.25 -8.61 -28.54
C ASP B 11 19.96 -8.58 -27.17
N HIS B 12 20.71 -9.63 -26.90
N HIS B 12 20.69 -9.63 -26.85
CA HIS B 12 21.47 -9.81 -25.67
CA HIS B 12 21.38 -9.68 -25.56
C HIS B 12 22.30 -8.56 -25.37
C HIS B 12 22.26 -8.46 -25.37
N GLY B 13 23.13 -8.20 -26.34
CA GLY B 13 24.01 -7.04 -26.22
C GLY B 13 23.28 -5.72 -26.12
N LYS B 14 22.09 -5.65 -26.69
CA LYS B 14 21.31 -4.43 -26.64
C LYS B 14 20.90 -4.23 -25.19
N TYR B 15 20.35 -5.27 -24.59
CA TYR B 15 19.91 -5.24 -23.20
C TYR B 15 21.06 -4.93 -22.25
N VAL B 16 22.11 -5.73 -22.32
CA VAL B 16 23.27 -5.54 -21.45
C VAL B 16 23.80 -4.12 -21.44
N GLU B 17 24.04 -3.55 -22.62
CA GLU B 17 24.55 -2.18 -22.71
C GLU B 17 23.49 -1.18 -22.27
N SER B 18 22.24 -1.48 -22.59
CA SER B 18 21.15 -0.60 -22.20
C SER B 18 21.04 -0.62 -20.67
N PHE B 19 21.35 -1.77 -20.09
CA PHE B 19 21.29 -1.93 -18.65
C PHE B 19 22.43 -1.18 -17.94
N ARG B 20 23.61 -1.19 -18.56
CA ARG B 20 24.76 -0.51 -18.00
C ARG B 20 24.49 0.99 -17.82
N ARG B 21 23.72 1.56 -18.74
CA ARG B 21 23.37 2.98 -18.66
C ARG B 21 22.53 3.23 -17.42
N PHE B 22 21.60 2.31 -17.15
CA PHE B 22 20.73 2.44 -15.99
C PHE B 22 21.55 2.50 -14.71
N LEU B 23 22.54 1.63 -14.60
CA LEU B 23 23.36 1.57 -13.41
C LEU B 23 24.12 2.86 -13.10
N ASN B 24 24.84 3.37 -14.10
CA ASN B 24 25.63 4.59 -13.93
C ASN B 24 24.82 5.87 -14.01
N HIS B 25 23.50 5.75 -14.09
CA HIS B 25 22.63 6.91 -14.16
C HIS B 25 21.53 6.84 -13.12
N SER B 26 21.79 6.07 -12.06
CA SER B 26 20.83 5.91 -10.97
C SER B 26 21.56 5.54 -9.68
N THR B 27 20.85 5.64 -8.57
CA THR B 27 21.40 5.32 -7.26
C THR B 27 21.06 3.88 -6.87
N GLU B 28 20.66 3.09 -7.85
CA GLU B 28 20.29 1.70 -7.66
C GLU B 28 21.25 0.93 -6.75
N HIS B 29 22.55 1.04 -7.02
CA HIS B 29 23.56 0.33 -6.22
C HIS B 29 23.81 0.95 -4.85
N GLN B 30 23.94 2.27 -4.82
CA GLN B 30 24.17 2.97 -3.55
C GLN B 30 23.02 2.67 -2.60
N CYS B 31 21.82 2.64 -3.15
CA CYS B 31 20.61 2.38 -2.39
C CYS B 31 20.68 1.03 -1.69
N MET B 32 21.09 0.01 -2.44
CA MET B 32 21.20 -1.32 -1.86
C MET B 32 22.34 -1.38 -0.85
N GLN B 33 23.43 -0.68 -1.13
CA GLN B 33 24.57 -0.71 -0.22
C GLN B 33 24.26 0.02 1.08
N GLU B 34 23.36 1.00 1.00
CA GLU B 34 22.96 1.75 2.19
C GLU B 34 22.15 0.82 3.08
N PHE B 35 21.42 -0.09 2.44
CA PHE B 35 20.59 -1.05 3.17
C PHE B 35 21.42 -2.12 3.88
N MET B 36 22.48 -2.59 3.21
CA MET B 36 23.34 -3.62 3.77
C MET B 36 24.16 -3.10 4.96
N ASP B 37 24.58 -1.85 4.88
CA ASP B 37 25.38 -1.22 5.94
C ASP B 37 24.60 -0.86 7.21
N LYS B 38 23.37 -0.41 7.05
CA LYS B 38 22.59 0.01 8.20
C LYS B 38 21.46 -0.91 8.66
N LYS B 39 20.86 -1.64 7.73
CA LYS B 39 19.73 -2.50 8.05
C LYS B 39 20.01 -3.98 8.23
N LEU B 40 20.83 -4.54 7.33
CA LEU B 40 21.14 -5.96 7.35
C LEU B 40 21.73 -6.53 8.65
N PRO B 41 22.80 -5.91 9.17
CA PRO B 41 23.40 -6.43 10.41
C PRO B 41 22.37 -6.82 11.47
N GLY B 42 21.33 -6.01 11.60
CA GLY B 42 20.31 -6.29 12.59
C GLY B 42 19.40 -7.46 12.21
N ILE B 43 19.13 -7.57 10.91
CA ILE B 43 18.26 -8.63 10.42
C ILE B 43 18.90 -10.03 10.45
N ILE B 44 20.19 -10.12 10.14
CA ILE B 44 20.87 -11.41 10.12
C ILE B 44 21.74 -11.74 11.33
N GLY B 45 21.65 -10.93 12.38
CA GLY B 45 22.46 -11.13 13.57
C GLY B 45 22.35 -12.44 14.33
N ARG B 46 21.31 -13.23 14.09
CA ARG B 46 21.15 -14.49 14.81
C ARG B 46 20.99 -15.73 13.92
N ILE B 47 21.20 -15.60 12.60
CA ILE B 47 21.02 -16.75 11.69
C ILE B 47 22.15 -17.78 11.78
N GLY B 48 23.22 -17.46 12.51
CA GLY B 48 24.32 -18.40 12.63
C GLY B 48 24.45 -19.05 14.01
N ASP B 49 23.57 -18.68 14.94
CA ASP B 49 23.62 -19.23 16.30
C ASP B 49 23.46 -20.75 16.38
N THR B 50 24.34 -21.36 17.17
CA THR B 50 24.41 -22.81 17.41
C THR B 50 24.87 -23.59 16.18
N LYS B 51 25.36 -22.90 15.16
CA LYS B 51 25.78 -23.61 13.95
C LYS B 51 27.24 -23.46 13.60
N SER B 52 27.85 -24.54 13.13
CA SER B 52 29.25 -24.50 12.74
C SER B 52 29.33 -24.27 11.24
N GLU B 53 28.18 -24.20 10.60
CA GLU B 53 28.15 -23.95 9.16
C GLU B 53 27.03 -22.98 8.87
N ILE B 54 27.29 -22.00 8.01
CA ILE B 54 26.28 -21.02 7.64
C ILE B 54 26.04 -21.15 6.12
N LYS B 55 24.81 -21.56 5.78
CA LYS B 55 24.38 -21.79 4.39
C LYS B 55 23.62 -20.63 3.77
N ILE B 56 24.20 -20.04 2.72
CA ILE B 56 23.62 -18.90 2.02
C ILE B 56 23.30 -19.23 0.58
N LEU B 57 22.01 -19.12 0.23
CA LEU B 57 21.53 -19.43 -1.10
C LEU B 57 21.16 -18.15 -1.85
N SER B 58 21.87 -17.90 -2.94
CA SER B 58 21.68 -16.74 -3.77
C SER B 58 20.91 -17.12 -5.04
N ILE B 59 19.70 -16.59 -5.18
CA ILE B 59 18.87 -16.89 -6.35
C ILE B 59 18.99 -15.81 -7.40
N GLY B 60 19.58 -16.17 -8.55
CA GLY B 60 19.76 -15.22 -9.62
C GLY B 60 20.91 -14.32 -9.26
N GLY B 61 21.92 -14.90 -8.62
CA GLY B 61 23.09 -14.16 -8.18
C GLY B 61 23.58 -13.06 -9.11
N GLY B 62 23.63 -13.34 -10.40
CA GLY B 62 24.11 -12.32 -11.33
C GLY B 62 25.60 -12.22 -11.15
N ALA B 63 26.12 -10.99 -11.08
CA ALA B 63 27.55 -10.75 -10.91
C ALA B 63 27.98 -11.00 -9.47
N GLY B 64 27.20 -10.54 -8.48
CA GLY B 64 27.50 -10.80 -7.06
C GLY B 64 28.24 -9.70 -6.28
N GLU B 65 28.22 -8.45 -6.73
CA GLU B 65 28.89 -7.39 -5.99
C GLU B 65 28.14 -7.12 -4.68
N ILE B 66 26.81 -7.33 -4.69
CA ILE B 66 25.99 -7.15 -3.50
C ILE B 66 26.09 -8.47 -2.70
N ASP B 67 26.25 -9.57 -3.42
CA ASP B 67 26.39 -10.88 -2.79
C ASP B 67 27.58 -10.84 -1.81
N LEU B 68 28.68 -10.25 -2.26
CA LEU B 68 29.87 -10.18 -1.42
C LEU B 68 29.71 -9.22 -0.24
N GLN B 69 28.98 -8.12 -0.46
CA GLN B 69 28.74 -7.16 0.61
C GLN B 69 27.99 -7.86 1.73
N ILE B 70 27.06 -8.75 1.36
CA ILE B 70 26.29 -9.51 2.34
C ILE B 70 27.15 -10.54 3.09
N LEU B 71 27.99 -11.27 2.36
CA LEU B 71 28.88 -12.24 3.02
C LEU B 71 29.77 -11.49 4.02
N SER B 72 30.19 -10.29 3.62
CA SER B 72 31.02 -9.43 4.45
C SER B 72 30.35 -9.15 5.80
N LYS B 73 29.04 -8.88 5.77
CA LYS B 73 28.30 -8.59 6.98
C LYS B 73 28.07 -9.85 7.83
N VAL B 74 28.02 -11.00 7.19
CA VAL B 74 27.82 -12.26 7.91
C VAL B 74 29.11 -12.70 8.62
N GLN B 75 30.24 -12.46 7.97
CA GLN B 75 31.54 -12.82 8.53
C GLN B 75 31.81 -11.99 9.78
N ALA B 76 31.41 -10.72 9.72
CA ALA B 76 31.58 -9.80 10.84
C ALA B 76 30.75 -10.25 12.03
N GLN B 77 29.59 -10.82 11.76
CA GLN B 77 28.73 -11.29 12.82
C GLN B 77 29.30 -12.58 13.42
N TYR B 78 29.78 -13.48 12.57
CA TYR B 78 30.33 -14.76 13.01
C TYR B 78 31.79 -15.01 12.57
N PRO B 79 32.74 -14.40 13.28
CA PRO B 79 34.15 -14.59 12.91
C PRO B 79 34.58 -16.06 13.01
N GLY B 80 35.28 -16.52 11.98
CA GLY B 80 35.76 -17.90 11.95
C GLY B 80 34.82 -18.98 11.45
N VAL B 81 33.56 -18.62 11.19
CA VAL B 81 32.59 -19.62 10.74
C VAL B 81 32.53 -19.83 9.23
N CYS B 82 32.64 -21.10 8.82
CA CYS B 82 32.60 -21.48 7.42
C CYS B 82 31.28 -21.10 6.75
N ILE B 83 31.37 -20.57 5.53
CA ILE B 83 30.18 -20.17 4.78
C ILE B 83 30.06 -20.89 3.43
N ASN B 84 28.93 -21.57 3.25
CA ASN B 84 28.66 -22.28 2.01
C ASN B 84 27.67 -21.42 1.24
N ASN B 85 28.14 -20.79 0.17
CA ASN B 85 27.29 -19.90 -0.62
C ASN B 85 27.06 -20.40 -2.04
N GLU B 86 25.91 -21.04 -2.26
CA GLU B 86 25.56 -21.55 -3.58
C GLU B 86 24.80 -20.50 -4.39
N VAL B 87 25.08 -20.44 -5.68
CA VAL B 87 24.44 -19.48 -6.56
C VAL B 87 23.65 -20.17 -7.64
N VAL B 88 22.41 -19.74 -7.83
CA VAL B 88 21.54 -20.30 -8.88
C VAL B 88 21.46 -19.24 -9.97
N GLU B 89 22.11 -19.52 -11.10
CA GLU B 89 22.18 -18.61 -12.23
C GLU B 89 22.14 -19.39 -13.56
N PRO B 90 21.13 -19.15 -14.39
CA PRO B 90 20.96 -19.82 -15.68
C PRO B 90 21.94 -19.42 -16.79
N SER B 91 22.44 -18.19 -16.71
CA SER B 91 23.36 -17.67 -17.72
C SER B 91 24.85 -17.92 -17.46
N ALA B 92 25.48 -18.69 -18.35
CA ALA B 92 26.90 -18.99 -18.25
C ALA B 92 27.71 -17.70 -18.26
N GLU B 93 27.22 -16.70 -18.99
CA GLU B 93 27.87 -15.41 -19.08
C GLU B 93 28.06 -14.81 -17.69
N GLN B 94 26.96 -14.72 -16.95
CA GLN B 94 26.98 -14.18 -15.60
C GLN B 94 27.82 -15.03 -14.64
N ILE B 95 27.67 -16.36 -14.72
CA ILE B 95 28.42 -17.25 -13.84
C ILE B 95 29.93 -17.03 -13.99
N ALA B 96 30.36 -16.75 -15.21
CA ALA B 96 31.77 -16.52 -15.50
C ALA B 96 32.27 -15.20 -14.92
N LYS B 97 31.44 -14.16 -14.95
CA LYS B 97 31.81 -12.87 -14.39
C LYS B 97 31.91 -12.98 -12.87
N TYR B 98 30.96 -13.70 -12.28
CA TYR B 98 30.93 -13.89 -10.84
C TYR B 98 32.19 -14.61 -10.37
N LYS B 99 32.57 -15.70 -11.05
CA LYS B 99 33.77 -16.45 -10.66
C LYS B 99 35.02 -15.57 -10.65
N GLU B 100 35.14 -14.73 -11.67
CA GLU B 100 36.30 -13.83 -11.75
C GLU B 100 36.24 -12.75 -10.68
N LEU B 101 35.05 -12.39 -10.24
CA LEU B 101 34.90 -11.38 -9.21
C LEU B 101 35.39 -11.98 -7.90
N VAL B 102 35.10 -13.27 -7.70
CA VAL B 102 35.52 -13.98 -6.50
C VAL B 102 37.03 -14.07 -6.40
N ALA B 103 37.67 -14.51 -7.48
CA ALA B 103 39.13 -14.66 -7.51
C ALA B 103 39.93 -13.37 -7.30
N LYS B 104 39.28 -12.22 -7.42
CA LYS B 104 39.97 -10.94 -7.23
C LYS B 104 39.74 -10.38 -5.83
N THR B 105 38.86 -11.02 -5.07
CA THR B 105 38.55 -10.54 -3.73
C THR B 105 39.25 -11.30 -2.60
N SER B 106 39.84 -10.55 -1.68
CA SER B 106 40.52 -11.15 -0.55
C SER B 106 39.49 -11.31 0.57
N ASN B 107 39.84 -12.12 1.56
CA ASN B 107 38.99 -12.40 2.71
C ASN B 107 37.85 -13.36 2.37
N LEU B 108 38.11 -14.29 1.46
CA LEU B 108 37.09 -15.26 1.10
C LEU B 108 37.55 -16.67 1.37
N GLU B 109 38.50 -16.83 2.29
CA GLU B 109 39.04 -18.14 2.62
C GLU B 109 38.10 -19.04 3.43
N ASN B 110 37.21 -18.44 4.20
CA ASN B 110 36.24 -19.19 4.99
C ASN B 110 34.94 -19.33 4.22
N VAL B 111 35.01 -19.07 2.91
CA VAL B 111 33.84 -19.14 2.04
C VAL B 111 33.98 -20.10 0.88
N LYS B 112 33.07 -21.06 0.79
CA LYS B 112 33.07 -22.03 -0.30
C LYS B 112 31.93 -21.68 -1.26
N PHE B 113 32.23 -21.60 -2.55
CA PHE B 113 31.22 -21.28 -3.56
C PHE B 113 30.78 -22.49 -4.40
N ALA B 114 29.60 -22.36 -5.01
CA ALA B 114 29.05 -23.41 -5.88
C ALA B 114 28.01 -22.76 -6.80
N TRP B 115 28.19 -22.97 -8.10
CA TRP B 115 27.30 -22.40 -9.11
C TRP B 115 26.47 -23.46 -9.80
N HIS B 116 25.17 -23.18 -9.94
CA HIS B 116 24.26 -24.10 -10.59
C HIS B 116 23.64 -23.36 -11.79
N LYS B 117 23.98 -23.80 -12.99
CA LYS B 117 23.47 -23.15 -14.20
C LYS B 117 22.05 -23.63 -14.52
N GLU B 118 21.06 -22.89 -14.02
CA GLU B 118 19.66 -23.23 -14.23
C GLU B 118 18.80 -22.10 -13.68
N THR B 119 17.48 -22.24 -13.79
CA THR B 119 16.57 -21.22 -13.27
C THR B 119 16.08 -21.71 -11.91
N SER B 120 15.50 -20.80 -11.13
CA SER B 120 14.99 -21.17 -9.81
C SER B 120 13.96 -22.29 -9.90
N SER B 121 13.13 -22.30 -10.95
CA SER B 121 12.12 -23.35 -11.08
C SER B 121 12.77 -24.68 -11.40
N GLU B 122 13.80 -24.67 -12.25
CA GLU B 122 14.50 -25.90 -12.59
C GLU B 122 15.18 -26.42 -11.33
N TYR B 123 15.72 -25.48 -10.54
CA TYR B 123 16.39 -25.83 -9.28
C TYR B 123 15.38 -26.47 -8.34
N GLN B 124 14.19 -25.87 -8.26
CA GLN B 124 13.13 -26.38 -7.39
C GLN B 124 12.66 -27.79 -7.72
N SER B 125 12.22 -28.03 -8.95
CA SER B 125 11.75 -29.35 -9.31
C SER B 125 12.86 -30.39 -9.15
N ARG B 126 14.08 -29.99 -9.48
CA ARG B 126 15.22 -30.90 -9.36
C ARG B 126 15.45 -31.32 -7.92
N MET B 127 15.13 -30.44 -6.98
CA MET B 127 15.31 -30.73 -5.56
C MET B 127 14.19 -31.59 -4.98
N LEU B 128 13.02 -31.52 -5.60
CA LEU B 128 11.85 -32.30 -5.16
C LEU B 128 11.97 -33.81 -5.34
N GLU B 129 12.70 -34.24 -6.37
CA GLU B 129 12.86 -35.67 -6.63
C GLU B 129 14.08 -36.27 -5.95
N LYS B 130 14.68 -35.50 -5.03
CA LYS B 130 15.84 -35.95 -4.29
C LYS B 130 15.45 -36.31 -2.86
N LYS B 131 16.44 -36.28 -1.97
CA LYS B 131 16.22 -36.58 -0.55
C LYS B 131 15.40 -35.47 0.11
N GLU B 132 15.38 -35.47 1.43
CA GLU B 132 14.63 -34.47 2.19
C GLU B 132 15.17 -33.06 1.91
N LEU B 133 14.27 -32.15 1.51
CA LEU B 133 14.65 -30.77 1.21
C LEU B 133 15.68 -30.23 2.20
N GLN B 134 16.91 -29.99 1.73
CA GLN B 134 17.97 -29.45 2.58
C GLN B 134 17.64 -28.02 3.00
N LYS B 135 18.14 -27.61 4.16
CA LYS B 135 17.88 -26.28 4.72
C LYS B 135 18.95 -25.21 4.51
N TRP B 136 18.53 -23.96 4.61
CA TRP B 136 19.41 -22.79 4.45
C TRP B 136 19.16 -21.78 5.56
N ASP B 137 20.18 -20.98 5.85
CA ASP B 137 20.10 -19.99 6.90
C ASP B 137 19.76 -18.60 6.36
N PHE B 138 20.13 -18.37 5.10
CA PHE B 138 19.84 -17.09 4.45
C PHE B 138 19.64 -17.29 2.95
N ILE B 139 18.50 -16.80 2.46
CA ILE B 139 18.17 -16.89 1.04
C ILE B 139 17.80 -15.50 0.53
N HIS B 140 18.36 -15.11 -0.60
CA HIS B 140 18.03 -13.81 -1.14
C HIS B 140 17.76 -13.82 -2.65
N MET B 141 16.76 -13.05 -3.04
CA MET B 141 16.32 -12.93 -4.43
C MET B 141 16.28 -11.45 -4.74
N ILE B 142 17.38 -10.94 -5.26
CA ILE B 142 17.53 -9.53 -5.57
C ILE B 142 17.19 -9.18 -7.01
N GLN B 143 16.17 -8.35 -7.18
CA GLN B 143 15.73 -7.90 -8.50
C GLN B 143 15.61 -9.00 -9.54
N MET B 144 14.90 -10.08 -9.24
CA MET B 144 14.76 -11.15 -10.22
C MET B 144 13.39 -11.81 -10.33
N LEU B 145 12.43 -11.41 -9.49
CA LEU B 145 11.10 -12.00 -9.59
C LEU B 145 10.41 -11.65 -10.91
N TYR B 146 10.90 -10.61 -11.59
CA TYR B 146 10.33 -10.22 -12.87
C TYR B 146 10.45 -11.39 -13.85
N TYR B 147 11.44 -12.25 -13.60
CA TYR B 147 11.73 -13.38 -14.47
C TYR B 147 11.21 -14.73 -14.03
N VAL B 148 10.55 -14.77 -12.88
CA VAL B 148 9.99 -16.03 -12.40
C VAL B 148 8.58 -16.18 -12.94
N LYS B 149 8.24 -17.39 -13.37
CA LYS B 149 6.93 -17.67 -13.92
C LYS B 149 5.87 -17.72 -12.83
N ASP B 150 5.99 -18.70 -11.94
CA ASP B 150 5.05 -18.92 -10.85
C ASP B 150 5.57 -18.35 -9.52
N ILE B 151 5.27 -17.08 -9.24
CA ILE B 151 5.72 -16.42 -8.02
C ILE B 151 5.25 -17.03 -6.69
N PRO B 152 3.93 -17.30 -6.55
CA PRO B 152 3.47 -17.88 -5.28
C PRO B 152 4.13 -19.23 -4.94
N ALA B 153 4.32 -20.07 -5.95
CA ALA B 153 4.96 -21.37 -5.72
C ALA B 153 6.42 -21.17 -5.31
N THR B 154 7.09 -20.21 -5.95
CA THR B 154 8.49 -19.89 -5.67
C THR B 154 8.62 -19.41 -4.21
N LEU B 155 7.73 -18.51 -3.82
CA LEU B 155 7.73 -17.95 -2.46
C LEU B 155 7.51 -19.00 -1.39
N LYS B 156 6.58 -19.91 -1.63
CA LYS B 156 6.27 -20.98 -0.68
C LYS B 156 7.36 -22.04 -0.68
N PHE B 157 7.90 -22.36 -1.84
CA PHE B 157 8.95 -23.37 -1.92
C PHE B 157 10.23 -22.97 -1.17
N PHE B 158 10.78 -21.80 -1.48
CA PHE B 158 12.01 -21.37 -0.82
C PHE B 158 11.83 -21.05 0.65
N HIS B 159 10.61 -20.70 1.04
CA HIS B 159 10.37 -20.42 2.44
C HIS B 159 10.41 -21.73 3.22
N SER B 160 10.04 -22.81 2.55
CA SER B 160 10.04 -24.12 3.20
C SER B 160 11.44 -24.68 3.30
N LEU B 161 12.42 -23.93 2.81
CA LEU B 161 13.79 -24.40 2.88
C LEU B 161 14.52 -23.69 4.01
N LEU B 162 13.84 -22.73 4.63
CA LEU B 162 14.45 -21.98 5.72
C LEU B 162 14.58 -22.82 6.98
N GLY B 163 15.77 -22.82 7.57
CA GLY B 163 16.02 -23.54 8.79
C GLY B 163 15.72 -22.65 9.99
N THR B 164 16.11 -23.11 11.18
CA THR B 164 15.88 -22.37 12.42
C THR B 164 16.54 -20.98 12.42
N ASN B 165 15.71 -19.97 12.68
CA ASN B 165 16.15 -18.58 12.74
C ASN B 165 16.60 -18.03 11.39
N ALA B 166 16.35 -18.77 10.32
CA ALA B 166 16.74 -18.32 9.00
C ALA B 166 15.81 -17.23 8.50
N LYS B 167 16.32 -16.40 7.61
CA LYS B 167 15.53 -15.31 7.02
C LYS B 167 15.67 -15.35 5.50
N MET B 168 14.68 -14.77 4.82
CA MET B 168 14.71 -14.67 3.36
C MET B 168 14.42 -13.21 2.97
N LEU B 169 15.30 -12.66 2.16
CA LEU B 169 15.22 -11.29 1.70
C LEU B 169 14.89 -11.23 0.21
N ILE B 170 14.01 -10.31 -0.16
CA ILE B 170 13.61 -10.14 -1.54
C ILE B 170 13.57 -8.65 -1.87
N ILE B 171 14.03 -8.29 -3.06
CA ILE B 171 14.03 -6.90 -3.48
C ILE B 171 13.33 -6.72 -4.83
N VAL B 172 12.50 -5.68 -4.92
CA VAL B 172 11.77 -5.34 -6.15
C VAL B 172 11.45 -3.84 -6.07
N VAL B 173 11.06 -3.24 -7.18
CA VAL B 173 10.70 -1.84 -7.15
C VAL B 173 9.45 -1.71 -6.28
N SER B 174 9.32 -0.59 -5.59
CA SER B 174 8.17 -0.38 -4.72
C SER B 174 6.94 0.01 -5.51
N GLY B 175 5.79 -0.04 -4.85
CA GLY B 175 4.53 0.33 -5.47
C GLY B 175 4.40 1.85 -5.61
N SER B 176 5.11 2.58 -4.77
CA SER B 176 5.07 4.03 -4.84
C SER B 176 6.20 4.53 -5.74
N SER B 177 6.74 3.65 -6.56
CA SER B 177 7.82 4.03 -7.47
C SER B 177 7.26 4.55 -8.78
N GLY B 178 8.13 5.13 -9.60
CA GLY B 178 7.70 5.64 -10.88
C GLY B 178 7.37 4.48 -11.80
N TRP B 179 8.09 3.38 -11.64
CA TRP B 179 7.86 2.20 -12.44
C TRP B 179 6.40 1.75 -12.37
N ASP B 180 5.85 1.76 -11.15
CA ASP B 180 4.47 1.35 -10.94
C ASP B 180 3.46 2.13 -11.76
N LYS B 181 3.58 3.45 -11.75
CA LYS B 181 2.67 4.30 -12.51
C LYS B 181 2.90 4.04 -14.01
N LEU B 182 4.16 4.03 -14.42
CA LEU B 182 4.51 3.78 -15.82
C LEU B 182 3.86 2.50 -16.33
N TRP B 183 4.09 1.40 -15.62
CA TRP B 183 3.53 0.12 -16.04
C TRP B 183 2.00 0.15 -15.98
N LYS B 184 1.45 0.77 -14.93
CA LYS B 184 0.01 0.85 -14.77
C LYS B 184 -0.66 1.61 -15.91
N LYS B 185 0.02 2.63 -16.43
CA LYS B 185 -0.53 3.45 -17.50
C LYS B 185 -0.07 3.13 -18.93
N TYR B 186 1.15 2.65 -19.09
CA TYR B 186 1.67 2.35 -20.42
C TYR B 186 1.99 0.88 -20.70
N GLY B 187 2.03 0.07 -19.65
CA GLY B 187 2.36 -1.33 -19.80
C GLY B 187 1.70 -2.03 -20.98
N SER B 188 0.43 -1.72 -21.21
CA SER B 188 -0.31 -2.33 -22.29
C SER B 188 0.23 -1.96 -23.66
N ARG B 189 0.92 -0.83 -23.76
CA ARG B 189 1.46 -0.37 -25.04
C ARG B 189 2.93 -0.66 -25.30
N PHE B 190 3.53 -1.55 -24.51
CA PHE B 190 4.94 -1.92 -24.70
C PHE B 190 4.95 -3.36 -25.22
N PRO B 191 6.01 -3.75 -25.96
CA PRO B 191 6.07 -5.13 -26.46
C PRO B 191 5.98 -6.18 -25.36
N GLN B 192 5.10 -7.17 -25.55
CA GLN B 192 4.90 -8.24 -24.59
C GLN B 192 5.91 -9.37 -24.77
N ASP B 193 6.58 -9.74 -23.68
CA ASP B 193 7.57 -10.80 -23.68
C ASP B 193 7.31 -11.70 -22.48
N ASP B 194 7.27 -13.01 -22.71
CA ASP B 194 7.01 -13.96 -21.64
C ASP B 194 8.25 -14.33 -20.83
N LEU B 195 9.32 -13.55 -21.01
CA LEU B 195 10.56 -13.79 -20.28
C LEU B 195 10.54 -12.95 -19.00
N CYS B 196 9.62 -11.99 -18.93
CA CYS B 196 9.48 -11.13 -17.76
C CYS B 196 8.06 -10.55 -17.63
N GLN B 197 7.67 -10.25 -16.39
CA GLN B 197 6.37 -9.67 -16.11
C GLN B 197 6.55 -8.51 -15.17
N TYR B 198 5.57 -7.60 -15.15
CA TYR B 198 5.60 -6.42 -14.27
C TYR B 198 5.29 -6.88 -12.85
N ILE B 199 6.06 -6.37 -11.89
CA ILE B 199 5.89 -6.74 -10.49
C ILE B 199 6.34 -5.59 -9.60
N THR B 200 5.61 -5.38 -8.51
CA THR B 200 5.96 -4.35 -7.52
C THR B 200 5.78 -4.97 -6.12
N SER B 201 6.24 -4.27 -5.09
CA SER B 201 6.09 -4.77 -3.73
C SER B 201 4.62 -4.93 -3.36
N ASP B 202 3.74 -4.16 -3.98
CA ASP B 202 2.32 -4.28 -3.69
C ASP B 202 1.81 -5.64 -4.13
N ASP B 203 2.38 -6.20 -5.19
CA ASP B 203 1.99 -7.51 -5.68
C ASP B 203 2.50 -8.55 -4.70
N LEU B 204 3.73 -8.38 -4.27
CA LEU B 204 4.35 -9.31 -3.34
C LEU B 204 3.67 -9.36 -1.97
N THR B 205 3.25 -8.21 -1.45
CA THR B 205 2.60 -8.22 -0.14
C THR B 205 1.23 -8.87 -0.20
N GLN B 206 0.55 -8.81 -1.34
CA GLN B 206 -0.77 -9.45 -1.44
C GLN B 206 -0.56 -10.96 -1.49
N MET B 207 0.37 -11.42 -2.33
CA MET B 207 0.66 -12.85 -2.44
C MET B 207 1.12 -13.40 -1.09
N LEU B 208 1.98 -12.65 -0.39
CA LEU B 208 2.47 -13.08 0.92
C LEU B 208 1.33 -13.16 1.95
N ASP B 209 0.45 -12.16 1.96
CA ASP B 209 -0.70 -12.16 2.88
C ASP B 209 -1.56 -13.41 2.67
N ASN B 210 -1.83 -13.71 1.40
CA ASN B 210 -2.67 -14.85 1.04
C ASN B 210 -2.00 -16.19 1.35
N LEU B 211 -0.67 -16.22 1.32
CA LEU B 211 0.08 -17.43 1.61
C LEU B 211 0.14 -17.61 3.13
N GLY B 212 -0.05 -16.52 3.86
CA GLY B 212 -0.03 -16.56 5.30
C GLY B 212 1.37 -16.44 5.90
N LEU B 213 2.29 -15.86 5.15
CA LEU B 213 3.65 -15.69 5.62
C LEU B 213 3.88 -14.35 6.31
N LYS B 214 4.66 -14.36 7.39
CA LYS B 214 4.94 -13.13 8.11
C LYS B 214 6.19 -12.48 7.53
N TYR B 215 6.15 -11.18 7.32
CA TYR B 215 7.27 -10.45 6.75
C TYR B 215 7.25 -9.01 7.23
N GLU B 216 8.29 -8.27 6.88
CA GLU B 216 8.43 -6.86 7.21
C GLU B 216 8.86 -6.21 5.90
N CYS B 217 8.45 -4.99 5.61
CA CYS B 217 8.82 -4.35 4.34
C CYS B 217 9.38 -2.93 4.50
N TYR B 218 10.57 -2.69 3.95
CA TYR B 218 11.22 -1.39 4.03
C TYR B 218 11.35 -0.73 2.66
N ASP B 219 11.01 0.55 2.60
CA ASP B 219 11.12 1.28 1.35
C ASP B 219 12.24 2.32 1.46
N LEU B 220 13.06 2.42 0.42
CA LEU B 220 14.14 3.39 0.39
C LEU B 220 14.11 4.07 -0.96
N LEU B 221 14.33 5.38 -0.95
CA LEU B 221 14.31 6.18 -2.17
C LEU B 221 15.56 5.96 -3.02
N SER B 222 15.39 5.95 -4.31
CA SER B 222 16.46 5.79 -5.29
C SER B 222 15.96 6.52 -6.53
N THR B 223 16.86 7.19 -7.23
CA THR B 223 16.44 7.95 -8.41
C THR B 223 17.18 7.53 -9.67
N MET B 224 16.56 7.77 -10.82
CA MET B 224 17.13 7.44 -12.12
C MET B 224 17.18 8.70 -12.96
N ASP B 225 18.39 9.24 -13.17
CA ASP B 225 18.57 10.46 -13.95
C ASP B 225 18.27 10.20 -15.42
N ILE B 226 17.18 10.76 -15.91
CA ILE B 226 16.80 10.57 -17.31
C ILE B 226 16.87 11.88 -18.10
N SER B 227 17.59 12.85 -17.57
CA SER B 227 17.73 14.15 -18.22
C SER B 227 18.11 14.04 -19.69
N ASP B 228 18.99 13.10 -20.02
CA ASP B 228 19.42 12.92 -21.40
C ASP B 228 18.31 12.33 -22.28
N CYS B 229 17.13 12.15 -21.71
CA CYS B 229 16.02 11.59 -22.47
C CYS B 229 15.27 12.66 -23.24
N PHE B 230 15.63 13.93 -23.04
CA PHE B 230 14.95 15.01 -23.73
C PHE B 230 15.90 15.84 -24.58
N ILE B 231 16.93 15.18 -25.10
CA ILE B 231 17.95 15.80 -25.94
C ILE B 231 18.26 14.83 -27.08
N ASP B 232 17.30 14.66 -27.99
CA ASP B 232 17.45 13.75 -29.13
C ASP B 232 18.85 13.81 -29.72
N GLY B 233 19.26 12.73 -30.37
CA GLY B 233 20.58 12.67 -30.94
C GLY B 233 21.54 12.11 -29.91
N ASN B 234 21.15 12.25 -28.65
CA ASN B 234 21.97 11.76 -27.55
C ASN B 234 21.90 10.23 -27.46
N GLU B 235 23.06 9.58 -27.58
CA GLU B 235 23.14 8.14 -27.52
C GLU B 235 22.76 7.60 -26.14
N ASN B 236 23.22 8.30 -25.11
CA ASN B 236 22.93 7.88 -23.74
C ASN B 236 21.42 7.87 -23.50
N GLY B 237 20.78 8.98 -23.89
CA GLY B 237 19.34 9.10 -23.70
C GLY B 237 18.49 8.07 -24.42
N ASP B 238 18.98 7.56 -25.53
CA ASP B 238 18.24 6.57 -26.30
C ASP B 238 18.36 5.21 -25.65
N LEU B 239 19.44 4.99 -24.92
CA LEU B 239 19.67 3.72 -24.24
C LEU B 239 18.80 3.62 -23.00
N LEU B 240 18.53 4.75 -22.37
CA LEU B 240 17.69 4.75 -21.20
C LEU B 240 16.23 4.59 -21.62
N TRP B 241 15.89 5.09 -22.81
CA TRP B 241 14.53 4.97 -23.32
C TRP B 241 14.22 3.49 -23.53
N ASP B 242 15.22 2.76 -24.02
CA ASP B 242 15.08 1.34 -24.29
C ASP B 242 14.85 0.52 -23.03
N PHE B 243 15.63 0.79 -22.00
CA PHE B 243 15.52 0.09 -20.73
C PHE B 243 14.21 0.45 -20.05
N LEU B 244 13.82 1.71 -20.18
N LEU B 244 13.82 1.71 -20.18
CA LEU B 244 12.60 2.23 -19.58
CA LEU B 244 12.60 2.23 -19.58
C LEU B 244 11.32 1.65 -20.18
C LEU B 244 11.32 1.65 -20.18
N THR B 245 11.37 1.31 -21.47
CA THR B 245 10.21 0.75 -22.14
C THR B 245 10.45 -0.70 -22.53
N GLU B 246 11.68 -1.16 -22.33
CA GLU B 246 12.08 -2.52 -22.66
C GLU B 246 11.88 -2.84 -24.13
N THR B 247 12.22 -1.90 -25.01
CA THR B 247 12.07 -2.12 -26.45
C THR B 247 13.32 -1.70 -27.20
N CYS B 248 13.69 -2.46 -28.22
CA CYS B 248 14.86 -2.16 -29.03
C CYS B 248 14.61 -0.90 -29.85
N ASN B 249 15.43 0.12 -29.62
CA ASN B 249 15.29 1.39 -30.34
C ASN B 249 13.86 1.89 -30.16
N PHE B 250 13.56 2.46 -29.01
CA PHE B 250 12.22 2.93 -28.74
C PHE B 250 11.78 4.11 -29.59
N ASN B 251 12.33 5.30 -29.33
CA ASN B 251 11.94 6.47 -30.09
C ASN B 251 12.28 6.31 -31.57
N ALA B 252 12.84 5.16 -31.91
CA ALA B 252 13.21 4.88 -33.29
C ALA B 252 12.19 3.99 -34.00
N THR B 253 11.55 3.09 -33.26
CA THR B 253 10.57 2.18 -33.84
C THR B 253 9.18 2.27 -33.20
N ALA B 254 8.96 3.28 -32.38
CA ALA B 254 7.67 3.45 -31.71
C ALA B 254 6.82 4.54 -32.35
N PRO B 255 5.49 4.43 -32.22
CA PRO B 255 4.56 5.42 -32.77
C PRO B 255 4.91 6.84 -32.32
N PRO B 256 4.73 7.83 -33.22
CA PRO B 256 5.03 9.23 -32.93
C PRO B 256 4.42 9.73 -31.63
N ASP B 257 3.09 9.70 -31.55
CA ASP B 257 2.39 10.18 -30.36
C ASP B 257 2.89 9.55 -29.06
N LEU B 258 3.10 8.24 -29.06
CA LEU B 258 3.56 7.55 -27.87
C LEU B 258 4.70 8.34 -27.20
N ARG B 259 5.69 8.74 -27.99
CA ARG B 259 6.81 9.51 -27.48
C ARG B 259 6.32 10.76 -26.76
N ALA B 260 5.35 11.43 -27.37
CA ALA B 260 4.79 12.66 -26.83
C ALA B 260 4.06 12.50 -25.49
N GLU B 261 3.13 11.57 -25.42
CA GLU B 261 2.39 11.36 -24.17
C GLU B 261 3.37 11.00 -23.06
N LEU B 262 4.12 9.93 -23.29
CA LEU B 262 5.11 9.44 -22.35
C LEU B 262 6.20 10.46 -22.09
N GLY B 263 6.50 11.28 -23.09
CA GLY B 263 7.53 12.29 -22.95
C GLY B 263 7.11 13.42 -22.02
N LYS B 264 5.81 13.67 -21.95
CA LYS B 264 5.28 14.71 -21.09
C LYS B 264 5.03 14.15 -19.70
N ASP B 265 4.59 12.89 -19.62
CA ASP B 265 4.34 12.26 -18.32
C ASP B 265 5.59 12.02 -17.48
N LEU B 266 6.70 11.64 -18.11
CA LEU B 266 7.92 11.39 -17.35
C LEU B 266 8.44 12.70 -16.77
N GLN B 267 7.64 13.74 -16.92
CA GLN B 267 8.01 15.06 -16.43
C GLN B 267 7.05 15.50 -15.33
N GLU B 268 6.05 14.67 -15.08
CA GLU B 268 5.06 14.95 -14.04
C GLU B 268 5.53 14.36 -12.72
N PRO B 269 5.03 14.91 -11.60
CA PRO B 269 5.35 14.50 -10.23
C PRO B 269 5.38 13.00 -9.90
N GLU B 270 4.26 12.30 -10.05
CA GLU B 270 4.22 10.87 -9.72
C GLU B 270 5.12 9.98 -10.58
N PHE B 271 5.92 10.59 -11.43
CA PHE B 271 6.85 9.84 -12.26
C PHE B 271 8.27 10.26 -11.93
N SER B 272 8.47 11.58 -11.87
CA SER B 272 9.78 12.14 -11.60
C SER B 272 9.72 13.39 -10.74
N ALA B 273 10.91 13.88 -10.37
CA ALA B 273 11.06 15.10 -9.58
C ALA B 273 12.11 15.93 -10.30
N LYS B 274 11.93 17.25 -10.29
CA LYS B 274 12.87 18.15 -10.94
C LYS B 274 13.84 18.79 -9.96
N LYS B 275 15.12 18.46 -10.11
CA LYS B 275 16.16 19.00 -9.23
C LYS B 275 17.36 19.47 -10.03
N GLU B 276 17.61 20.78 -9.95
CA GLU B 276 18.73 21.42 -10.65
C GLU B 276 18.87 21.02 -12.11
N GLY B 277 17.89 21.45 -12.92
CA GLY B 277 17.91 21.16 -14.34
C GLY B 277 17.68 19.72 -14.75
N LYS B 278 17.77 18.80 -13.79
CA LYS B 278 17.59 17.38 -14.08
C LYS B 278 16.24 16.83 -13.63
N VAL B 279 15.86 15.73 -14.26
CA VAL B 279 14.61 15.03 -13.95
C VAL B 279 14.98 13.68 -13.34
N LEU B 280 14.64 13.51 -12.06
CA LEU B 280 14.94 12.28 -11.34
C LEU B 280 13.71 11.38 -11.21
N PHE B 281 13.71 10.30 -11.99
CA PHE B 281 12.64 9.31 -12.03
C PHE B 281 12.58 8.51 -10.73
N ASN B 282 11.39 8.40 -10.14
CA ASN B 282 11.24 7.65 -8.89
C ASN B 282 11.63 6.17 -9.08
N ASN B 283 12.74 5.76 -8.49
CA ASN B 283 13.21 4.38 -8.58
C ASN B 283 13.18 3.76 -7.19
N THR B 284 12.25 4.21 -6.35
CA THR B 284 12.15 3.71 -4.99
C THR B 284 12.10 2.18 -4.94
N LEU B 285 12.93 1.61 -4.07
CA LEU B 285 13.03 0.17 -3.89
C LEU B 285 12.40 -0.31 -2.58
N SER B 286 11.98 -1.58 -2.57
CA SER B 286 11.38 -2.21 -1.39
C SER B 286 12.22 -3.43 -0.99
N PHE B 287 12.44 -3.60 0.31
CA PHE B 287 13.22 -4.72 0.83
C PHE B 287 12.32 -5.54 1.74
N ILE B 288 11.95 -6.74 1.29
CA ILE B 288 11.08 -7.62 2.06
C ILE B 288 11.88 -8.72 2.77
N VAL B 289 11.57 -8.92 4.05
CA VAL B 289 12.25 -9.93 4.86
C VAL B 289 11.22 -10.89 5.40
N ILE B 290 11.38 -12.17 5.10
CA ILE B 290 10.45 -13.20 5.54
C ILE B 290 11.10 -14.09 6.60
N GLU B 291 10.38 -14.29 7.72
CA GLU B 291 10.90 -15.13 8.79
C GLU B 291 10.51 -16.58 8.50
N ALA B 292 11.17 -17.52 9.17
CA ALA B 292 10.85 -18.93 8.97
C ALA B 292 9.65 -19.30 9.83
C1 4DI C . -14.44 -1.87 4.18
S 4DI C . -14.87 -0.68 2.87
C2 4DI C . -14.09 0.95 2.72
C3 4DI C . -14.79 1.25 1.38
C4 4DI C . -14.90 2.70 0.89
C5 4DI C . -15.41 3.22 -0.48
N1 4DI C . -15.88 4.59 -0.79
C6 4DI C . -15.65 4.43 -2.20
C7 4DI C . -15.41 5.92 -0.43
N2 4DI C . -13.47 -1.88 4.98
N3 4DI C . -15.32 -3.03 4.24
N1 C2M D . -20.68 10.67 4.67
C2 C2M D . -19.42 10.18 4.34
N2 C2M D . -19.38 9.14 3.45
C3 C2M D . -20.51 8.57 2.90
C4 C2M D . -21.89 9.03 3.21
C5 C2M D . -21.87 10.15 4.16
C6 C2M D . -23.09 8.43 2.63
C7 C2M D . -23.54 7.12 3.17
C8 C2M D . -24.72 6.45 2.63
C9 C2M D . -25.50 7.10 1.48
C10 C2M D . -25.06 8.40 0.94
C11 C2M D . -23.86 9.05 1.51
N3 C2M D . -18.18 10.73 4.91
N4 C2M D . -20.29 7.50 1.98
C12 C2M D . -23.05 10.86 4.72
CL1 C2M D . -26.85 6.41 0.75
CL2 C2M D . -25.10 4.98 3.35
C1 4DI E . 16.25 -16.85 -12.55
S 4DI E . 16.93 -15.71 -13.79
C2 4DI E . 17.76 -14.32 -12.96
C3 4DI E . 18.96 -13.82 -13.75
C4 4DI E . 18.93 -12.46 -13.05
C5 4DI E . 20.19 -12.10 -12.29
N1 4DI E . 20.27 -10.75 -11.84
C6 4DI E . 20.33 -10.26 -10.49
C7 4DI E . 21.21 -9.94 -12.60
N2 4DI E . 16.97 -17.08 -11.53
N3 4DI E . 15.10 -17.61 -13.07
N1 C2M F . 15.10 -2.77 -12.06
C2 C2M F . 16.14 -3.72 -12.13
N2 C2M F . 16.07 -4.73 -13.10
C3 C2M F . 15.02 -4.83 -14.03
C4 C2M F . 13.89 -3.87 -14.04
C5 C2M F . 14.01 -2.84 -12.98
C6 C2M F . 12.78 -3.95 -15.02
C7 C2M F . 11.71 -4.93 -14.84
C8 C2M F . 10.63 -5.02 -15.80
C9 C2M F . 10.61 -4.08 -17.00
C10 C2M F . 11.64 -3.09 -17.20
C11 C2M F . 12.73 -3.03 -16.21
N3 C2M F . 17.28 -3.73 -11.26
N4 C2M F . 15.07 -5.90 -14.99
C12 C2M F . 13.01 -1.78 -12.78
CL1 C2M F . 9.44 -4.08 -18.19
CL2 C2M F . 9.51 -6.23 -15.41
#